data_4FGX
#
_entry.id   4FGX
#
_cell.length_a   104.710
_cell.length_b   128.730
_cell.length_c   76.160
_cell.angle_alpha   90.00
_cell.angle_beta   90.00
_cell.angle_gamma   90.00
#
_symmetry.space_group_name_H-M   'C 2 2 21'
#
loop_
_entity.id
_entity.type
_entity.pdbx_description
1 polymer 'Beta-secretase 1'
2 polymer 'Inhibitor (2R,5S,8S,12S,13S,16S,19S,22S)-16-(3-amino-3-oxopropyl)-2,13-dibenzyl-12,22-dihydroxy-8-isobutyl-19-isopropyl-3,5,17-trimethyl-4,7,10,15,18,21-hexaoxo-3,6,9,14,17,20-hexaazatricosan-1-oic acid'
3 non-polymer 'SULFATE ION'
4 non-polymer UREA
5 non-polymer DI(HYDROXYETHYL)ETHER
6 water water
#
loop_
_entity_poly.entity_id
_entity_poly.type
_entity_poly.pdbx_seq_one_letter_code
_entity_poly.pdbx_strand_id
1 'polypeptide(L)'
;MGSSHHHHHHSAGENLYFQGTLPRETDEEPEEPGRRGSFVEMVDNLRGKSGQGYYVEMTVGSPPQTLNILVDTGSSNFAV
GAAPHPFLHRYYQRQLSSTYRDLRKGVYVPYTQGAWAGELGTDLVSIPHGPNVTVRANIAAITESDKFFINGSNWEGILG
LAYAEIARPDDSLEPFFDSLVKQTHVPNLFSLQLCGAGFPLNQSEVLASVGGSMIIGGIDHSLYTGSLWYTPIRREWYYE
VIIVRVEINGQDLKMDCKEYNYDKSIVDSGTTNLRLPKKVFEAAVKSIKAASSTEKFPDGFWLGEQLVCWQAGTTPWNIF
PVISLYLMGEVTNQSFRITILPQQYLRPVEDVATSQDDCYKFAISQSSTGTVMGAVIMEGFYVVFDRARKRIGFAVSACH
VHDEFRTAAVEGPFVTLDMEDCGYNIPQTDEST
;
A
2 'polypeptide(L)' (2OP)V(GNC)(PSA)LA(ZAE) B
#
loop_
_chem_comp.id
_chem_comp.type
_chem_comp.name
_chem_comp.formula
2OP non-polymer '(2S)-2-HYDROXYPROPANOIC ACID' 'C3 H6 O3'
PEG non-polymer DI(HYDROXYETHYL)ETHER 'C4 H10 O3'
PSA peptide-like '3-HYDROXY-4-AMINO-5-PHENYLPENTANOIC ACID' 'C11 H15 N O3'
SO4 non-polymer 'SULFATE ION' 'O4 S -2'
URE non-polymer UREA 'C H4 N2 O'
#
# COMPACT_ATOMS: atom_id res chain seq x y z
C GLY A 37 15.13 -17.11 9.32
N SER A 38 15.88 -17.06 8.24
CA SER A 38 17.07 -16.22 8.21
C SER A 38 16.73 -14.73 8.34
N PHE A 39 15.52 -14.33 7.91
CA PHE A 39 15.06 -12.91 8.01
C PHE A 39 14.33 -12.54 9.30
N VAL A 40 14.47 -13.35 10.33
CA VAL A 40 13.74 -13.18 11.57
C VAL A 40 13.85 -11.78 12.20
N GLU A 41 14.98 -11.10 12.05
CA GLU A 41 15.13 -9.81 12.72
C GLU A 41 14.32 -8.70 12.04
N MET A 42 13.76 -9.00 10.88
CA MET A 42 12.94 -8.01 10.16
C MET A 42 11.45 -8.24 10.40
N VAL A 43 11.12 -9.37 11.00
CA VAL A 43 9.74 -9.68 11.34
C VAL A 43 9.21 -8.69 12.38
N ASP A 44 8.00 -8.20 12.14
CA ASP A 44 7.34 -7.29 13.06
C ASP A 44 8.04 -5.93 13.12
N ASN A 45 8.67 -5.53 12.01
CA ASN A 45 9.32 -4.22 11.96
C ASN A 45 8.42 -3.06 11.53
N LEU A 46 7.14 -3.34 11.28
CA LEU A 46 6.21 -2.26 10.96
C LEU A 46 5.23 -2.01 12.10
N ARG A 47 4.80 -0.76 12.22
CA ARG A 47 3.76 -0.39 13.18
C ARG A 47 2.82 0.58 12.49
N GLY A 48 1.69 0.86 13.13
CA GLY A 48 0.81 1.89 12.63
C GLY A 48 -0.45 2.02 13.46
N LYS A 49 -1.23 3.05 13.15
CA LYS A 49 -2.60 3.16 13.64
C LYS A 49 -3.52 2.84 12.47
N SER A 50 -4.54 2.04 12.71
CA SER A 50 -5.45 1.63 11.65
C SER A 50 -5.89 2.84 10.82
N GLY A 51 -5.80 2.70 9.51
CA GLY A 51 -6.22 3.76 8.60
C GLY A 51 -5.23 4.90 8.46
N GLN A 52 -4.07 4.78 9.11
CA GLN A 52 -3.08 5.86 9.04
C GLN A 52 -1.74 5.37 8.52
N GLY A 53 -1.76 4.28 7.78
CA GLY A 53 -0.55 3.79 7.14
C GLY A 53 0.30 2.93 8.06
N TYR A 54 1.37 2.38 7.50
CA TYR A 54 2.28 1.53 8.22
C TYR A 54 3.67 2.14 8.11
N TYR A 55 4.41 2.17 9.21
CA TYR A 55 5.72 2.81 9.18
C TYR A 55 6.83 1.92 9.73
N VAL A 56 8.04 2.19 9.28
CA VAL A 56 9.23 1.46 9.66
C VAL A 56 10.23 2.48 10.22
N GLU A 57 11.08 2.05 11.16
CA GLU A 57 12.10 2.97 11.66
C GLU A 57 13.25 3.08 10.67
N MET A 58 13.70 4.31 10.45
CA MET A 58 14.86 4.54 9.59
C MET A 58 15.80 5.49 10.30
N THR A 59 17.09 5.20 10.21
CA THR A 59 18.09 6.02 10.89
C THR A 59 18.87 6.82 9.87
N VAL A 60 18.81 8.14 10.00
CA VAL A 60 19.39 9.04 9.02
C VAL A 60 20.52 9.87 9.62
N GLY A 61 21.57 10.10 8.84
CA GLY A 61 22.62 11.03 9.21
C GLY A 61 23.60 10.54 10.26
N SER A 62 24.47 11.43 10.69
CA SER A 62 25.51 11.08 11.64
C SER A 62 25.83 12.28 12.51
N PRO A 63 25.75 12.13 13.84
CA PRO A 63 25.31 10.97 14.60
C PRO A 63 23.85 10.62 14.25
N PRO A 64 23.42 9.43 14.65
CA PRO A 64 22.13 8.91 14.15
C PRO A 64 20.90 9.71 14.58
N GLN A 65 19.99 9.89 13.62
CA GLN A 65 18.67 10.45 13.88
C GLN A 65 17.65 9.47 13.37
N THR A 66 16.93 8.81 14.28
CA THR A 66 15.96 7.82 13.87
C THR A 66 14.58 8.46 13.80
N LEU A 67 13.86 8.13 12.72
CA LEU A 67 12.51 8.64 12.49
C LEU A 67 11.61 7.50 12.04
N ASN A 68 10.30 7.65 12.28
CA ASN A 68 9.32 6.68 11.79
C ASN A 68 8.85 7.09 10.40
N ILE A 69 8.94 6.15 9.46
CA ILE A 69 8.72 6.45 8.04
C ILE A 69 7.61 5.58 7.44
N LEU A 70 6.56 6.22 6.94
CA LEU A 70 5.47 5.50 6.31
C LEU A 70 5.95 4.81 5.02
N VAL A 71 5.59 3.53 4.85
CA VAL A 71 6.00 2.78 3.68
CA VAL A 71 6.02 2.81 3.66
C VAL A 71 4.98 2.94 2.57
N ASP A 72 5.39 3.52 1.43
CA ASP A 72 4.47 3.84 0.35
C ASP A 72 4.90 3.24 -0.98
N THR A 73 4.28 2.13 -1.39
CA THR A 73 4.61 1.58 -2.69
C THR A 73 3.98 2.37 -3.84
N GLY A 74 3.21 3.42 -3.50
CA GLY A 74 2.55 4.24 -4.51
C GLY A 74 3.28 5.50 -4.93
N SER A 75 4.48 5.72 -4.41
CA SER A 75 5.29 6.88 -4.82
C SER A 75 6.78 6.50 -4.76
N SER A 76 7.66 7.44 -5.13
CA SER A 76 9.07 7.08 -5.30
C SER A 76 10.03 8.06 -4.67
N ASN A 77 9.51 8.95 -3.83
CA ASN A 77 10.35 9.89 -3.07
C ASN A 77 10.48 9.51 -1.59
N PHE A 78 11.72 9.56 -1.10
CA PHE A 78 12.00 9.43 0.32
C PHE A 78 12.07 10.85 0.89
N ALA A 79 11.19 11.13 1.83
CA ALA A 79 11.09 12.49 2.37
C ALA A 79 10.81 12.43 3.86
N VAL A 80 11.39 13.36 4.61
CA VAL A 80 11.23 13.38 6.06
C VAL A 80 10.94 14.80 6.55
N GLY A 81 10.07 14.93 7.54
CA GLY A 81 9.88 16.22 8.19
C GLY A 81 11.23 16.75 8.64
N ALA A 82 11.51 18.02 8.34
CA ALA A 82 12.83 18.59 8.64
C ALA A 82 12.69 19.98 9.27
N ALA A 83 11.48 20.27 9.76
CA ALA A 83 11.20 21.52 10.44
C ALA A 83 9.97 21.30 11.31
N PRO A 84 9.80 22.14 12.35
CA PRO A 84 8.65 22.01 13.23
C PRO A 84 7.31 21.98 12.48
N HIS A 85 6.41 21.14 12.96
CA HIS A 85 5.05 21.08 12.48
C HIS A 85 4.20 20.68 13.67
N PRO A 86 2.98 21.24 13.77
CA PRO A 86 2.11 20.93 14.92
C PRO A 86 1.92 19.43 15.14
N PHE A 87 1.95 18.63 14.08
CA PHE A 87 1.70 17.19 14.20
C PHE A 87 2.97 16.35 14.28
N LEU A 88 4.13 17.00 14.26
CA LEU A 88 5.41 16.30 14.41
C LEU A 88 5.98 16.46 15.81
N HIS A 89 6.42 15.35 16.40
CA HIS A 89 7.09 15.38 17.70
C HIS A 89 8.61 15.37 17.54
N ARG A 90 9.07 15.00 16.35
CA ARG A 90 10.49 15.11 16.03
C ARG A 90 10.68 15.25 14.54
N TYR A 91 11.87 15.66 14.14
CA TYR A 91 12.18 15.89 12.73
C TYR A 91 13.68 15.85 12.47
N TYR A 92 14.04 15.69 11.20
CA TYR A 92 15.42 15.66 10.73
C TYR A 92 16.07 17.01 10.90
N GLN A 93 17.21 17.03 11.57
CA GLN A 93 17.96 18.26 11.79
C GLN A 93 19.26 18.18 11.00
N ARG A 94 19.24 18.75 9.79
CA ARG A 94 20.34 18.60 8.86
C ARG A 94 21.66 19.18 9.36
N GLN A 95 21.58 20.28 10.09
CA GLN A 95 22.79 20.93 10.57
C GLN A 95 23.52 20.07 11.59
N LEU A 96 22.82 19.10 12.17
CA LEU A 96 23.47 18.23 13.16
C LEU A 96 24.04 16.96 12.53
N SER A 97 23.83 16.79 11.22
CA SER A 97 24.38 15.61 10.55
C SER A 97 25.64 15.96 9.77
N SER A 98 26.77 15.40 10.20
CA SER A 98 28.04 15.73 9.58
C SER A 98 28.12 15.22 8.15
N THR A 99 27.31 14.22 7.82
CA THR A 99 27.36 13.55 6.53
C THR A 99 26.32 14.05 5.55
N TYR A 100 25.51 15.02 5.97
CA TYR A 100 24.51 15.62 5.09
C TYR A 100 25.16 16.42 3.98
N ARG A 101 24.71 16.18 2.76
CA ARG A 101 25.16 16.94 1.60
C ARG A 101 23.97 17.61 0.91
N ASP A 102 23.99 18.94 0.87
CA ASP A 102 22.92 19.71 0.25
C ASP A 102 23.01 19.58 -1.26
N LEU A 103 21.88 19.28 -1.90
CA LEU A 103 21.84 19.20 -3.36
C LEU A 103 21.45 20.54 -4.00
N ARG A 104 21.12 21.52 -3.16
CA ARG A 104 20.84 22.89 -3.62
C ARG A 104 19.73 22.92 -4.65
N LYS A 105 18.63 22.23 -4.35
CA LYS A 105 17.51 22.16 -5.28
C LYS A 105 16.25 21.88 -4.48
N GLY A 106 15.17 22.58 -4.80
CA GLY A 106 13.91 22.36 -4.13
C GLY A 106 13.18 21.17 -4.74
N VAL A 107 12.21 20.65 -4.00
CA VAL A 107 11.39 19.54 -4.47
C VAL A 107 9.98 19.67 -3.90
N TYR A 108 8.99 19.29 -4.71
CA TYR A 108 7.60 19.38 -4.34
C TYR A 108 6.92 18.09 -4.78
N VAL A 109 6.16 17.48 -3.89
CA VAL A 109 5.39 16.29 -4.26
C VAL A 109 3.93 16.42 -3.86
N PRO A 110 3.03 16.30 -4.84
CA PRO A 110 1.60 16.30 -4.63
C PRO A 110 1.07 14.87 -4.55
N TYR A 111 0.23 14.61 -3.56
CA TYR A 111 -0.43 13.32 -3.41
C TYR A 111 -1.90 13.56 -3.68
N THR A 112 -2.74 12.56 -3.42
CA THR A 112 -4.16 12.69 -3.80
C THR A 112 -4.88 13.85 -3.13
N GLN A 113 -4.57 14.12 -1.86
CA GLN A 113 -5.22 15.22 -1.14
C GLN A 113 -4.23 16.25 -0.64
N GLY A 114 -3.05 15.76 -0.25
CA GLY A 114 -2.05 16.58 0.39
C GLY A 114 -0.82 16.78 -0.45
N ALA A 115 0.13 17.56 0.07
CA ALA A 115 1.35 17.86 -0.67
C ALA A 115 2.40 18.34 0.32
N TRP A 116 3.66 18.27 -0.09
CA TRP A 116 4.71 18.91 0.71
C TRP A 116 5.75 19.55 -0.19
N ALA A 117 6.47 20.50 0.39
CA ALA A 117 7.56 21.17 -0.28
C ALA A 117 8.79 21.06 0.58
N GLY A 118 9.94 20.99 -0.08
CA GLY A 118 11.16 20.84 0.69
C GLY A 118 12.42 21.00 -0.13
N GLU A 119 13.51 20.47 0.41
CA GLU A 119 14.84 20.70 -0.12
C GLU A 119 15.56 19.37 -0.25
N LEU A 120 16.24 19.16 -1.37
CA LEU A 120 16.91 17.90 -1.66
C LEU A 120 18.32 17.86 -1.10
N GLY A 121 18.73 16.68 -0.65
CA GLY A 121 20.10 16.46 -0.22
C GLY A 121 20.36 14.96 -0.20
N THR A 122 21.56 14.56 0.22
CA THR A 122 21.80 13.14 0.46
C THR A 122 22.34 12.97 1.86
N ASP A 123 22.17 11.77 2.41
CA ASP A 123 22.74 11.48 3.72
C ASP A 123 22.80 9.96 3.87
N LEU A 124 23.50 9.50 4.91
CA LEU A 124 23.55 8.09 5.22
C LEU A 124 22.22 7.63 5.80
N VAL A 125 21.78 6.46 5.36
CA VAL A 125 20.51 5.91 5.81
C VAL A 125 20.64 4.42 6.09
N SER A 126 20.15 4.00 7.25
CA SER A 126 20.09 2.58 7.61
CA SER A 126 20.07 2.58 7.59
C SER A 126 18.68 2.27 8.09
N ILE A 127 18.28 1.01 8.02
CA ILE A 127 17.00 0.57 8.56
C ILE A 127 17.38 -0.42 9.66
N PRO A 128 17.27 0.00 10.93
CA PRO A 128 17.86 -0.85 11.98
C PRO A 128 17.21 -2.25 12.07
N HIS A 129 15.92 -2.34 11.76
CA HIS A 129 15.23 -3.63 11.73
C HIS A 129 15.01 -4.08 10.29
N GLY A 130 15.94 -3.67 9.44
CA GLY A 130 15.95 -4.05 8.03
C GLY A 130 17.28 -4.68 7.68
N PRO A 131 17.75 -4.48 6.43
CA PRO A 131 19.01 -5.10 6.02
C PRO A 131 20.20 -4.50 6.78
N ASN A 132 21.25 -5.31 6.92
CA ASN A 132 22.43 -4.89 7.64
C ASN A 132 23.40 -4.16 6.71
N VAL A 133 22.98 -2.99 6.26
CA VAL A 133 23.77 -2.13 5.38
C VAL A 133 23.46 -0.67 5.69
N THR A 134 24.30 0.22 5.16
CA THR A 134 24.05 1.66 5.25
C THR A 134 24.29 2.22 3.85
N VAL A 135 23.37 3.03 3.33
CA VAL A 135 23.56 3.57 1.99
C VAL A 135 23.48 5.08 2.01
N ARG A 136 24.07 5.71 0.98
CA ARG A 136 23.86 7.14 0.83
C ARG A 136 22.68 7.30 -0.10
N ALA A 137 21.63 7.94 0.41
CA ALA A 137 20.38 8.04 -0.34
C ALA A 137 19.97 9.49 -0.49
N ASN A 138 19.21 9.76 -1.55
CA ASN A 138 18.52 11.03 -1.66
C ASN A 138 17.48 11.19 -0.56
N ILE A 139 17.39 12.40 -0.02
CA ILE A 139 16.37 12.67 0.99
C ILE A 139 15.77 14.04 0.76
N ALA A 140 14.44 14.10 0.67
CA ALA A 140 13.75 15.37 0.59
C ALA A 140 13.45 15.82 2.02
N ALA A 141 14.05 16.94 2.42
CA ALA A 141 13.80 17.50 3.73
C ALA A 141 12.57 18.39 3.66
N ILE A 142 11.47 17.93 4.26
CA ILE A 142 10.18 18.62 4.20
C ILE A 142 10.16 19.84 5.12
N THR A 143 9.96 21.02 4.54
CA THR A 143 9.95 22.25 5.32
C THR A 143 8.56 22.85 5.48
N GLU A 144 7.67 22.57 4.52
CA GLU A 144 6.29 23.02 4.58
C GLU A 144 5.41 21.93 4.01
N SER A 145 4.16 21.86 4.47
CA SER A 145 3.25 20.83 3.97
C SER A 145 1.79 21.20 4.11
N ASP A 146 0.95 20.53 3.33
CA ASP A 146 -0.49 20.76 3.37
C ASP A 146 -1.20 19.41 3.45
N LYS A 147 -1.93 19.17 4.52
CA LYS A 147 -2.72 17.95 4.68
C LYS A 147 -1.90 16.70 4.38
N PHE A 148 -0.67 16.69 4.87
CA PHE A 148 0.19 15.54 4.70
C PHE A 148 0.36 14.79 6.02
N PHE A 149 1.00 15.43 7.00
CA PHE A 149 1.13 14.82 8.33
C PHE A 149 -0.24 14.69 9.00
N ILE A 150 -0.36 13.68 9.85
CA ILE A 150 -1.61 13.39 10.53
C ILE A 150 -1.45 13.53 12.03
N ASN A 151 -2.37 14.26 12.66
CA ASN A 151 -2.37 14.42 14.10
C ASN A 151 -2.34 13.06 14.79
N GLY A 152 -1.25 12.77 15.49
CA GLY A 152 -1.12 11.55 16.30
C GLY A 152 -0.83 10.24 15.59
N SER A 153 -0.20 10.30 14.42
CA SER A 153 0.02 9.11 13.61
C SER A 153 1.31 8.36 13.96
N ASN A 154 2.21 9.08 14.62
CA ASN A 154 3.53 8.62 15.04
C ASN A 154 4.58 8.52 13.92
N TRP A 155 4.21 8.86 12.69
CA TRP A 155 5.20 8.88 11.62
C TRP A 155 5.58 10.29 11.16
N GLU A 156 6.80 10.40 10.67
CA GLU A 156 7.45 11.68 10.43
C GLU A 156 7.99 11.83 9.01
N GLY A 157 7.72 10.84 8.15
CA GLY A 157 8.21 10.91 6.79
C GLY A 157 7.60 9.79 5.97
N ILE A 158 8.03 9.68 4.72
CA ILE A 158 7.47 8.71 3.79
C ILE A 158 8.58 8.09 2.95
N LEU A 159 8.46 6.77 2.70
CA LEU A 159 9.44 6.05 1.90
C LEU A 159 8.77 5.57 0.62
N GLY A 160 9.00 6.28 -0.48
CA GLY A 160 8.43 5.91 -1.76
C GLY A 160 9.21 4.76 -2.36
N LEU A 161 8.57 3.60 -2.49
CA LEU A 161 9.24 2.38 -2.94
C LEU A 161 9.03 2.04 -4.42
N ALA A 162 8.28 2.87 -5.13
CA ALA A 162 8.07 2.67 -6.56
C ALA A 162 9.27 3.16 -7.37
N TYR A 163 9.12 3.20 -8.69
CA TYR A 163 10.26 3.36 -9.59
C TYR A 163 10.57 4.80 -9.95
N ALA A 164 11.77 5.01 -10.50
CA ALA A 164 12.25 6.35 -10.81
C ALA A 164 11.35 7.17 -11.75
N GLU A 165 10.65 6.50 -12.65
CA GLU A 165 9.83 7.20 -13.62
C GLU A 165 8.89 8.23 -12.97
N ILE A 166 8.40 7.91 -11.78
CA ILE A 166 7.45 8.80 -11.12
C ILE A 166 8.03 9.62 -9.96
N ALA A 167 9.35 9.61 -9.82
CA ALA A 167 10.02 10.45 -8.82
C ALA A 167 9.94 11.93 -9.18
N ARG A 168 9.84 12.80 -8.18
CA ARG A 168 10.02 14.24 -8.37
C ARG A 168 11.42 14.63 -7.89
N PRO A 169 12.05 15.62 -8.53
CA PRO A 169 11.49 16.44 -9.61
C PRO A 169 11.42 15.70 -10.95
N ASP A 170 12.22 14.66 -11.13
CA ASP A 170 12.21 13.90 -12.37
C ASP A 170 12.86 12.55 -12.13
N ASP A 171 12.94 11.74 -13.19
CA ASP A 171 13.40 10.38 -13.04
C ASP A 171 14.90 10.23 -12.79
N SER A 172 15.60 11.35 -12.66
CA SER A 172 17.02 11.32 -12.37
CA SER A 172 17.02 11.30 -12.38
C SER A 172 17.29 11.27 -10.88
N LEU A 173 16.24 11.50 -10.07
CA LEU A 173 16.40 11.44 -8.63
C LEU A 173 16.21 9.99 -8.17
N GLU A 174 17.33 9.30 -7.98
CA GLU A 174 17.31 7.87 -7.67
C GLU A 174 16.50 7.58 -6.41
N PRO A 175 15.48 6.71 -6.52
CA PRO A 175 14.71 6.34 -5.32
C PRO A 175 15.53 5.49 -4.35
N PHE A 176 15.10 5.49 -3.08
CA PHE A 176 15.82 4.76 -2.04
C PHE A 176 16.15 3.32 -2.40
N PHE A 177 15.17 2.55 -2.86
CA PHE A 177 15.41 1.13 -3.07
C PHE A 177 16.41 0.91 -4.20
N ASP A 178 16.38 1.78 -5.20
CA ASP A 178 17.37 1.72 -6.27
C ASP A 178 18.78 1.95 -5.74
N SER A 179 18.93 2.92 -4.84
CA SER A 179 20.23 3.17 -4.20
C SER A 179 20.67 1.96 -3.40
N LEU A 180 19.72 1.38 -2.67
CA LEU A 180 20.03 0.20 -1.85
C LEU A 180 20.60 -0.94 -2.69
N VAL A 181 19.94 -1.21 -3.81
CA VAL A 181 20.35 -2.31 -4.68
C VAL A 181 21.67 -1.97 -5.39
N LYS A 182 21.83 -0.73 -5.80
CA LYS A 182 23.05 -0.35 -6.54
C LYS A 182 24.28 -0.39 -5.64
N GLN A 183 24.13 0.07 -4.41
CA GLN A 183 25.29 0.22 -3.50
C GLN A 183 25.65 -1.02 -2.70
N THR A 184 24.75 -2.00 -2.62
CA THR A 184 24.95 -3.15 -1.72
C THR A 184 24.63 -4.46 -2.41
N HIS A 185 24.83 -5.56 -1.70
CA HIS A 185 24.51 -6.90 -2.19
C HIS A 185 23.02 -7.25 -2.08
N VAL A 186 22.22 -6.41 -1.44
CA VAL A 186 20.84 -6.79 -1.12
C VAL A 186 20.05 -7.11 -2.41
N PRO A 187 19.43 -8.29 -2.47
CA PRO A 187 18.68 -8.64 -3.68
C PRO A 187 17.56 -7.66 -3.96
N ASN A 188 17.25 -7.51 -5.24
CA ASN A 188 16.28 -6.53 -5.69
C ASN A 188 14.85 -7.03 -5.51
N LEU A 189 14.43 -7.13 -4.24
CA LEU A 189 13.12 -7.65 -3.88
C LEU A 189 12.81 -7.24 -2.45
N PHE A 190 11.54 -6.89 -2.21
CA PHE A 190 11.07 -6.71 -0.85
C PHE A 190 9.66 -7.27 -0.76
N SER A 191 9.20 -7.52 0.46
CA SER A 191 7.89 -8.09 0.65
C SER A 191 7.22 -7.43 1.84
N LEU A 192 5.90 -7.34 1.80
CA LEU A 192 5.13 -6.65 2.83
C LEU A 192 4.01 -7.52 3.35
N GLN A 193 3.95 -7.63 4.67
CA GLN A 193 2.84 -8.28 5.36
C GLN A 193 2.23 -7.21 6.26
N LEU A 194 1.11 -6.65 5.82
CA LEU A 194 0.42 -5.62 6.57
C LEU A 194 -0.68 -6.27 7.39
N CYS A 195 -0.57 -6.16 8.72
CA CYS A 195 -1.50 -6.82 9.62
C CYS A 195 -2.50 -5.82 10.20
N GLY A 196 -3.74 -5.92 9.75
CA GLY A 196 -4.78 -4.98 10.16
C GLY A 196 -5.25 -5.18 11.59
N ALA A 197 -6.20 -4.34 11.99
CA ALA A 197 -6.73 -4.37 13.35
C ALA A 197 -7.91 -5.35 13.46
N SER A 209 -3.99 -0.69 17.23
CA SER A 209 -2.59 -0.58 16.82
C SER A 209 -2.19 -1.71 15.90
N VAL A 210 -1.86 -1.37 14.66
CA VAL A 210 -1.53 -2.37 13.66
C VAL A 210 -0.03 -2.63 13.62
N GLY A 211 0.36 -3.67 12.91
CA GLY A 211 1.76 -4.00 12.77
C GLY A 211 1.96 -4.75 11.49
N GLY A 212 3.13 -5.36 11.33
CA GLY A 212 3.40 -6.13 10.14
C GLY A 212 4.88 -6.24 9.91
N SER A 213 5.27 -6.76 8.74
CA SER A 213 6.67 -6.95 8.43
C SER A 213 7.01 -6.45 7.03
N MET A 214 8.14 -5.78 6.93
CA MET A 214 8.74 -5.49 5.64
C MET A 214 10.04 -6.27 5.53
N ILE A 215 10.03 -7.34 4.74
CA ILE A 215 11.23 -8.14 4.54
C ILE A 215 11.97 -7.60 3.33
N ILE A 216 13.22 -7.20 3.54
CA ILE A 216 14.00 -6.56 2.48
C ILE A 216 15.13 -7.48 2.04
N GLY A 217 15.08 -7.86 0.77
CA GLY A 217 16.08 -8.75 0.20
C GLY A 217 15.63 -10.19 0.07
N GLY A 218 14.36 -10.47 0.40
CA GLY A 218 13.90 -11.83 0.37
C GLY A 218 12.49 -12.03 0.88
N ILE A 219 12.18 -13.30 1.11
CA ILE A 219 10.86 -13.76 1.50
C ILE A 219 11.00 -14.56 2.78
N ASP A 220 10.10 -14.33 3.73
CA ASP A 220 10.08 -15.11 4.98
C ASP A 220 8.83 -16.00 5.00
N HIS A 221 9.03 -17.30 5.09
CA HIS A 221 7.94 -18.24 4.90
C HIS A 221 6.98 -18.32 6.08
N SER A 222 7.35 -17.75 7.21
CA SER A 222 6.46 -17.73 8.37
C SER A 222 5.31 -16.74 8.20
N LEU A 223 5.40 -15.91 7.15
CA LEU A 223 4.47 -14.81 7.00
C LEU A 223 3.24 -15.15 6.15
N TYR A 224 3.26 -16.33 5.53
CA TYR A 224 2.15 -16.75 4.68
C TYR A 224 1.89 -18.24 4.74
N THR A 225 0.71 -18.63 4.30
CA THR A 225 0.37 -20.04 4.16
C THR A 225 -0.03 -20.29 2.71
N GLY A 226 0.00 -21.55 2.30
CA GLY A 226 -0.34 -21.90 0.93
C GLY A 226 0.70 -21.42 -0.06
N SER A 227 0.31 -21.31 -1.32
CA SER A 227 1.24 -20.97 -2.38
C SER A 227 1.27 -19.48 -2.69
N LEU A 228 2.43 -19.02 -3.15
CA LEU A 228 2.54 -17.69 -3.74
C LEU A 228 2.16 -17.72 -5.20
N TRP A 229 1.31 -16.79 -5.61
CA TRP A 229 0.90 -16.67 -7.01
C TRP A 229 1.35 -15.31 -7.53
N TYR A 230 1.95 -15.28 -8.71
CA TYR A 230 2.53 -14.04 -9.23
C TYR A 230 1.80 -13.42 -10.43
N THR A 231 1.72 -12.09 -10.41
CA THR A 231 1.18 -11.31 -11.53
C THR A 231 2.30 -10.43 -12.07
N PRO A 232 2.35 -10.22 -13.39
CA PRO A 232 3.45 -9.39 -13.92
C PRO A 232 3.32 -7.94 -13.50
N ILE A 233 4.46 -7.30 -13.24
CA ILE A 233 4.47 -5.85 -13.19
C ILE A 233 4.43 -5.37 -14.63
N ARG A 234 3.35 -4.68 -14.99
CA ARG A 234 3.11 -4.35 -16.39
C ARG A 234 4.14 -3.36 -16.93
N ARG A 235 4.51 -2.41 -16.08
CA ARG A 235 5.41 -1.33 -16.45
C ARG A 235 6.03 -0.83 -15.15
N GLU A 236 7.31 -0.52 -15.18
CA GLU A 236 8.02 -0.10 -13.98
C GLU A 236 7.89 1.41 -13.79
N TRP A 237 6.79 1.80 -13.14
CA TRP A 237 6.60 3.20 -12.75
C TRP A 237 5.93 3.18 -11.38
N TYR A 238 4.60 3.15 -11.35
CA TYR A 238 3.91 2.59 -10.19
C TYR A 238 4.12 1.08 -10.27
N TYR A 239 3.70 0.34 -9.25
CA TYR A 239 3.62 -1.12 -9.36
C TYR A 239 2.31 -1.43 -10.05
N GLU A 240 2.35 -1.39 -11.38
CA GLU A 240 1.14 -1.50 -12.19
C GLU A 240 0.85 -2.97 -12.48
N VAL A 241 -0.41 -3.37 -12.33
CA VAL A 241 -0.84 -4.74 -12.61
C VAL A 241 -2.11 -4.71 -13.46
N ILE A 242 -2.55 -5.90 -13.86
CA ILE A 242 -3.74 -6.01 -14.70
C ILE A 242 -4.78 -6.91 -14.03
N ILE A 243 -5.94 -6.32 -13.74
CA ILE A 243 -7.08 -7.04 -13.19
C ILE A 243 -7.96 -7.53 -14.34
N VAL A 244 -8.31 -8.82 -14.33
CA VAL A 244 -8.98 -9.41 -15.48
C VAL A 244 -10.42 -9.85 -15.24
N ARG A 245 -10.82 -9.86 -13.98
CA ARG A 245 -12.16 -10.28 -13.59
C ARG A 245 -12.40 -9.86 -12.15
N VAL A 246 -13.64 -9.51 -11.81
CA VAL A 246 -14.04 -9.17 -10.44
C VAL A 246 -15.30 -9.95 -10.07
N GLU A 247 -15.31 -10.53 -8.87
CA GLU A 247 -16.47 -11.26 -8.38
C GLU A 247 -16.89 -10.79 -7.00
N ILE A 248 -18.20 -10.77 -6.74
CA ILE A 248 -18.73 -10.48 -5.42
C ILE A 248 -19.45 -11.75 -4.96
N ASN A 249 -18.96 -12.35 -3.88
CA ASN A 249 -19.48 -13.63 -3.40
C ASN A 249 -19.58 -14.66 -4.53
N GLY A 250 -18.55 -14.70 -5.36
CA GLY A 250 -18.51 -15.68 -6.43
C GLY A 250 -19.27 -15.29 -7.68
N GLN A 251 -19.99 -14.18 -7.63
CA GLN A 251 -20.76 -13.71 -8.78
C GLN A 251 -20.01 -12.67 -9.60
N ASP A 252 -19.75 -12.99 -10.86
CA ASP A 252 -19.03 -12.12 -11.79
C ASP A 252 -19.73 -10.77 -11.92
N LEU A 253 -18.97 -9.70 -11.77
CA LEU A 253 -19.50 -8.35 -11.93
C LEU A 253 -19.85 -8.09 -13.40
N LYS A 254 -19.23 -8.86 -14.28
CA LYS A 254 -19.54 -8.88 -15.72
C LYS A 254 -19.30 -7.57 -16.46
N MET A 255 -18.26 -6.83 -16.08
CA MET A 255 -17.88 -5.65 -16.84
C MET A 255 -16.72 -6.01 -17.74
N ASP A 256 -16.55 -5.23 -18.81
CA ASP A 256 -15.38 -5.39 -19.65
C ASP A 256 -14.13 -5.14 -18.81
N CYS A 257 -13.16 -6.03 -18.89
CA CYS A 257 -11.96 -5.89 -18.08
C CYS A 257 -11.20 -4.59 -18.34
N LYS A 258 -11.44 -3.97 -19.49
CA LYS A 258 -10.81 -2.68 -19.75
C LYS A 258 -11.28 -1.63 -18.76
N GLU A 259 -12.50 -1.79 -18.23
CA GLU A 259 -12.99 -0.84 -17.23
C GLU A 259 -12.23 -0.95 -15.91
N TYR A 260 -11.83 -2.17 -15.57
CA TYR A 260 -11.15 -2.40 -14.30
C TYR A 260 -9.78 -1.72 -14.25
N ASN A 261 -9.17 -1.52 -15.42
CA ASN A 261 -7.82 -0.98 -15.48
C ASN A 261 -7.73 0.39 -16.14
N TYR A 262 -8.86 1.08 -16.22
CA TYR A 262 -8.87 2.41 -16.82
C TYR A 262 -8.64 3.42 -15.71
N ASP A 263 -7.53 4.14 -15.70
CA ASP A 263 -6.50 4.19 -16.74
C ASP A 263 -5.25 3.39 -16.31
N LYS A 264 -5.29 2.87 -15.09
CA LYS A 264 -4.23 1.97 -14.59
C LYS A 264 -4.74 1.24 -13.35
N SER A 265 -4.08 0.14 -12.99
CA SER A 265 -4.34 -0.49 -11.71
C SER A 265 -3.00 -0.63 -11.00
N ILE A 266 -2.94 -0.24 -9.73
CA ILE A 266 -1.68 -0.24 -9.00
C ILE A 266 -1.83 -0.81 -7.61
N VAL A 267 -0.71 -1.29 -7.06
CA VAL A 267 -0.66 -1.78 -5.70
C VAL A 267 0.01 -0.70 -4.87
N ASP A 268 -0.73 -0.14 -3.91
CA ASP A 268 -0.32 1.09 -3.22
C ASP A 268 -0.49 1.01 -1.70
N SER A 269 0.63 0.76 -1.00
CA SER A 269 0.57 0.58 0.46
C SER A 269 0.31 1.88 1.22
N GLY A 270 0.46 3.01 0.56
CA GLY A 270 0.20 4.31 1.16
C GLY A 270 -1.22 4.79 1.02
N THR A 271 -2.09 3.94 0.45
CA THR A 271 -3.51 4.28 0.35
C THR A 271 -4.32 3.27 1.16
N THR A 272 -5.23 3.75 1.98
CA THR A 272 -6.00 2.87 2.84
C THR A 272 -7.00 2.04 2.05
N ASN A 273 -7.74 2.71 1.19
CA ASN A 273 -8.88 2.09 0.54
C ASN A 273 -8.56 1.20 -0.66
N LEU A 274 -9.51 0.36 -1.03
CA LEU A 274 -9.57 -0.16 -2.37
C LEU A 274 -10.34 0.90 -3.15
N ARG A 275 -9.67 1.52 -4.11
CA ARG A 275 -10.30 2.56 -4.91
C ARG A 275 -10.59 2.02 -6.31
N LEU A 276 -11.78 2.31 -6.83
CA LEU A 276 -12.19 1.76 -8.13
C LEU A 276 -12.66 2.87 -9.05
N PRO A 277 -12.41 2.71 -10.36
CA PRO A 277 -12.97 3.67 -11.32
C PRO A 277 -14.47 3.79 -11.14
N LYS A 278 -15.02 4.98 -11.36
CA LYS A 278 -16.43 5.22 -11.08
C LYS A 278 -17.43 4.16 -11.58
N LYS A 279 -17.35 3.79 -12.86
CA LYS A 279 -18.29 2.79 -13.38
C LYS A 279 -18.17 1.47 -12.62
N VAL A 280 -16.94 1.12 -12.25
CA VAL A 280 -16.70 -0.13 -11.54
C VAL A 280 -17.19 -0.03 -10.10
N PHE A 281 -16.90 1.11 -9.48
CA PHE A 281 -17.36 1.35 -8.12
C PHE A 281 -18.89 1.23 -8.03
N GLU A 282 -19.58 1.92 -8.93
CA GLU A 282 -21.04 1.89 -8.93
C GLU A 282 -21.58 0.46 -9.06
N ALA A 283 -21.02 -0.31 -9.98
CA ALA A 283 -21.44 -1.71 -10.15
C ALA A 283 -21.12 -2.56 -8.93
N ALA A 284 -19.95 -2.33 -8.34
CA ALA A 284 -19.55 -3.10 -7.18
C ALA A 284 -20.50 -2.83 -6.02
N VAL A 285 -20.82 -1.57 -5.77
CA VAL A 285 -21.73 -1.24 -4.68
C VAL A 285 -23.10 -1.87 -4.89
N LYS A 286 -23.60 -1.84 -6.12
CA LYS A 286 -24.89 -2.43 -6.42
C LYS A 286 -24.88 -3.92 -6.06
N SER A 287 -23.80 -4.59 -6.46
CA SER A 287 -23.68 -6.02 -6.18
C SER A 287 -23.49 -6.33 -4.69
N ILE A 288 -22.69 -5.52 -4.00
CA ILE A 288 -22.47 -5.74 -2.58
C ILE A 288 -23.76 -5.52 -1.79
N LYS A 289 -24.52 -4.50 -2.17
CA LYS A 289 -25.82 -4.24 -1.56
C LYS A 289 -26.75 -5.45 -1.72
N ALA A 290 -26.82 -5.97 -2.95
CA ALA A 290 -27.69 -7.10 -3.22
C ALA A 290 -27.31 -8.32 -2.38
N ALA A 291 -26.00 -8.55 -2.22
CA ALA A 291 -25.50 -9.71 -1.50
C ALA A 291 -25.74 -9.60 0.01
N SER A 292 -25.90 -8.38 0.49
CA SER A 292 -26.05 -8.14 1.93
C SER A 292 -27.46 -7.66 2.26
N SER A 293 -28.41 -7.98 1.38
CA SER A 293 -29.76 -7.42 1.44
C SER A 293 -30.57 -7.80 2.68
N THR A 294 -30.08 -8.75 3.48
CA THR A 294 -30.78 -9.11 4.71
C THR A 294 -30.68 -7.97 5.71
N GLU A 295 -29.78 -7.04 5.44
CA GLU A 295 -29.61 -5.86 6.28
C GLU A 295 -29.73 -4.60 5.43
N LYS A 296 -30.25 -3.53 6.02
CA LYS A 296 -30.43 -2.28 5.31
C LYS A 296 -29.41 -1.27 5.81
N PHE A 297 -28.76 -0.55 4.89
CA PHE A 297 -27.82 0.51 5.24
C PHE A 297 -28.08 1.77 4.43
N PRO A 298 -27.86 2.95 5.04
CA PRO A 298 -28.12 4.19 4.32
C PRO A 298 -27.22 4.34 3.10
N ASP A 299 -27.70 5.02 2.06
CA ASP A 299 -26.92 5.23 0.85
C ASP A 299 -25.54 5.81 1.17
N GLY A 300 -25.48 6.70 2.16
CA GLY A 300 -24.24 7.35 2.53
C GLY A 300 -23.19 6.43 3.11
N PHE A 301 -23.61 5.28 3.65
CA PHE A 301 -22.65 4.31 4.16
C PHE A 301 -21.76 3.81 3.01
N TRP A 302 -22.38 3.50 1.88
CA TRP A 302 -21.62 3.00 0.74
C TRP A 302 -20.73 4.07 0.12
N LEU A 303 -21.00 5.34 0.43
CA LEU A 303 -20.19 6.44 -0.07
C LEU A 303 -19.12 6.87 0.93
N GLY A 304 -19.05 6.19 2.08
CA GLY A 304 -18.08 6.53 3.10
C GLY A 304 -18.43 7.80 3.87
N GLU A 305 -19.66 8.28 3.68
CA GLU A 305 -20.09 9.52 4.33
C GLU A 305 -20.84 9.25 5.64
N GLN A 306 -21.24 8.01 5.83
CA GLN A 306 -21.89 7.60 7.07
C GLN A 306 -21.22 6.34 7.65
N LEU A 307 -21.09 6.31 8.97
CA LEU A 307 -20.61 5.11 9.63
C LEU A 307 -21.80 4.34 10.18
N VAL A 308 -21.63 3.04 10.36
CA VAL A 308 -22.59 2.23 11.09
C VAL A 308 -21.84 1.54 12.22
N CYS A 309 -22.47 1.48 13.39
CA CYS A 309 -21.81 0.91 14.57
C CYS A 309 -22.61 -0.26 15.13
N TRP A 310 -21.90 -1.26 15.63
CA TRP A 310 -22.52 -2.39 16.28
C TRP A 310 -22.04 -2.43 17.73
N GLN A 311 -22.84 -3.02 18.61
CA GLN A 311 -22.41 -3.22 19.98
C GLN A 311 -21.18 -4.12 19.99
N ALA A 312 -20.23 -3.80 20.86
CA ALA A 312 -18.94 -4.48 20.89
C ALA A 312 -19.07 -6.00 20.69
N GLY A 313 -18.42 -6.49 19.64
CA GLY A 313 -18.32 -7.92 19.39
C GLY A 313 -19.54 -8.59 18.77
N THR A 314 -20.36 -7.82 18.04
CA THR A 314 -21.55 -8.38 17.45
C THR A 314 -21.63 -8.18 15.93
N THR A 315 -20.59 -7.59 15.35
CA THR A 315 -20.62 -7.29 13.91
C THR A 315 -20.97 -8.55 13.12
N PRO A 316 -22.05 -8.47 12.33
CA PRO A 316 -22.50 -9.63 11.55
C PRO A 316 -21.67 -9.81 10.28
N TRP A 317 -20.36 -10.04 10.44
CA TRP A 317 -19.46 -10.19 9.30
C TRP A 317 -20.11 -11.05 8.22
N ASN A 318 -20.87 -12.06 8.65
CA ASN A 318 -21.39 -13.09 7.75
C ASN A 318 -22.39 -12.56 6.73
N ILE A 319 -22.98 -11.40 7.02
CA ILE A 319 -23.98 -10.83 6.11
C ILE A 319 -23.34 -10.03 4.97
N PHE A 320 -22.05 -9.74 5.06
CA PHE A 320 -21.33 -9.09 3.97
C PHE A 320 -20.60 -10.12 3.12
N PRO A 321 -20.51 -9.86 1.80
CA PRO A 321 -19.89 -10.82 0.87
C PRO A 321 -18.37 -10.72 0.82
N VAL A 322 -17.75 -11.77 0.30
CA VAL A 322 -16.32 -11.70 0.00
C VAL A 322 -16.17 -11.05 -1.38
N ILE A 323 -14.99 -10.51 -1.65
CA ILE A 323 -14.72 -9.84 -2.91
C ILE A 323 -13.45 -10.43 -3.53
N SER A 324 -13.53 -10.81 -4.79
CA SER A 324 -12.38 -11.40 -5.48
C SER A 324 -11.92 -10.56 -6.66
N LEU A 325 -10.61 -10.37 -6.77
CA LEU A 325 -10.01 -9.80 -7.97
C LEU A 325 -9.19 -10.88 -8.64
N TYR A 326 -9.42 -11.12 -9.92
CA TYR A 326 -8.54 -12.01 -10.70
C TYR A 326 -7.45 -11.17 -11.34
N LEU A 327 -6.21 -11.65 -11.22
CA LEU A 327 -5.06 -10.98 -11.78
C LEU A 327 -4.42 -11.82 -12.88
N MET A 328 -3.83 -11.16 -13.85
CA MET A 328 -3.11 -11.83 -14.92
C MET A 328 -1.99 -12.68 -14.31
N GLY A 329 -1.85 -13.90 -14.80
CA GLY A 329 -0.82 -14.79 -14.29
C GLY A 329 0.49 -14.72 -15.07
N GLU A 330 1.40 -15.63 -14.76
CA GLU A 330 2.69 -15.65 -15.43
C GLU A 330 2.71 -16.49 -16.71
N VAL A 331 1.67 -17.29 -16.91
CA VAL A 331 1.57 -18.10 -18.11
C VAL A 331 0.44 -17.59 -19.00
N THR A 332 0.64 -17.70 -20.32
CA THR A 332 -0.39 -17.31 -21.29
C THR A 332 -1.78 -17.87 -20.94
N ASN A 333 -2.77 -16.98 -20.96
CA ASN A 333 -4.16 -17.35 -20.70
C ASN A 333 -4.45 -17.89 -19.30
N GLN A 334 -3.50 -17.71 -18.40
CA GLN A 334 -3.66 -18.19 -17.04
C GLN A 334 -3.80 -17.02 -16.06
N SER A 335 -4.77 -17.12 -15.15
CA SER A 335 -4.97 -16.12 -14.11
C SER A 335 -5.04 -16.79 -12.73
N PHE A 336 -5.10 -15.97 -11.70
CA PHE A 336 -5.41 -16.45 -10.36
C PHE A 336 -6.27 -15.39 -9.68
N ARG A 337 -6.83 -15.71 -8.52
CA ARG A 337 -7.69 -14.74 -7.85
C ARG A 337 -7.30 -14.58 -6.41
N ILE A 338 -7.41 -13.34 -5.93
CA ILE A 338 -7.25 -13.03 -4.53
C ILE A 338 -8.62 -12.63 -3.98
N THR A 339 -8.93 -13.11 -2.78
CA THR A 339 -10.25 -12.90 -2.19
C THR A 339 -10.12 -12.31 -0.80
N ILE A 340 -10.81 -11.19 -0.56
CA ILE A 340 -10.80 -10.56 0.75
C ILE A 340 -12.15 -10.64 1.43
N LEU A 341 -12.15 -10.38 2.73
CA LEU A 341 -13.33 -10.47 3.57
C LEU A 341 -13.82 -9.08 3.95
N PRO A 342 -15.04 -8.99 4.51
CA PRO A 342 -15.48 -7.71 5.06
C PRO A 342 -14.54 -7.23 6.17
N GLN A 343 -13.84 -8.14 6.82
CA GLN A 343 -12.85 -7.74 7.81
C GLN A 343 -11.78 -6.83 7.20
N GLN A 344 -11.58 -6.97 5.89
CA GLN A 344 -10.62 -6.10 5.18
C GLN A 344 -11.25 -4.81 4.67
N TYR A 345 -12.47 -4.88 4.14
CA TYR A 345 -13.05 -3.68 3.52
C TYR A 345 -14.02 -2.87 4.39
N LEU A 346 -14.35 -3.38 5.57
CA LEU A 346 -15.06 -2.60 6.58
C LEU A 346 -14.05 -2.26 7.66
N ARG A 347 -13.72 -0.98 7.77
CA ARG A 347 -12.61 -0.58 8.62
C ARG A 347 -13.07 0.06 9.92
N PRO A 348 -12.48 -0.39 11.04
CA PRO A 348 -12.86 0.12 12.35
C PRO A 348 -12.42 1.57 12.52
N VAL A 349 -13.33 2.38 13.06
CA VAL A 349 -13.03 3.77 13.36
C VAL A 349 -13.05 3.93 14.88
N GLU A 350 -11.90 4.24 15.46
CA GLU A 350 -11.79 4.36 16.92
C GLU A 350 -12.30 5.71 17.43
N SER A 355 -15.27 3.04 23.48
CA SER A 355 -16.52 2.78 24.18
C SER A 355 -16.99 1.34 23.97
N GLN A 356 -18.29 1.13 24.07
CA GLN A 356 -18.88 -0.20 23.91
C GLN A 356 -19.45 -0.39 22.51
N ASP A 357 -19.11 0.52 21.60
CA ASP A 357 -19.60 0.44 20.22
C ASP A 357 -18.46 0.31 19.22
N ASP A 358 -18.62 -0.62 18.28
CA ASP A 358 -17.66 -0.80 17.21
C ASP A 358 -18.19 -0.16 15.93
N CYS A 359 -17.61 0.98 15.56
CA CYS A 359 -18.05 1.70 14.36
C CYS A 359 -17.18 1.37 13.15
N TYR A 360 -17.80 1.31 11.98
CA TYR A 360 -17.11 0.93 10.77
C TYR A 360 -17.37 1.87 9.61
N LYS A 361 -16.33 2.05 8.79
CA LYS A 361 -16.44 2.79 7.55
C LYS A 361 -16.22 1.83 6.38
N PHE A 362 -17.05 1.95 5.36
CA PHE A 362 -16.90 1.19 4.12
C PHE A 362 -15.71 1.77 3.39
N ALA A 363 -14.70 0.94 3.15
CA ALA A 363 -13.41 1.42 2.64
C ALA A 363 -13.15 1.04 1.19
N ILE A 364 -14.22 0.89 0.42
CA ILE A 364 -14.10 0.81 -1.03
C ILE A 364 -14.66 2.12 -1.54
N SER A 365 -13.90 2.81 -2.38
CA SER A 365 -14.27 4.15 -2.79
C SER A 365 -13.97 4.45 -4.25
N GLN A 366 -14.48 5.56 -4.73
CA GLN A 366 -14.39 5.91 -6.13
C GLN A 366 -13.07 6.59 -6.48
N SER A 367 -12.59 6.35 -7.69
CA SER A 367 -11.33 6.92 -8.17
C SER A 367 -11.49 7.44 -9.59
N SER A 368 -10.78 8.52 -9.92
CA SER A 368 -10.70 8.99 -11.29
C SER A 368 -9.31 8.76 -11.87
N THR A 369 -8.48 7.99 -11.14
CA THR A 369 -7.12 7.73 -11.61
C THR A 369 -6.82 6.24 -11.64
N GLY A 370 -7.87 5.43 -11.82
CA GLY A 370 -7.72 4.00 -11.94
C GLY A 370 -7.92 3.25 -10.64
N THR A 371 -7.67 1.94 -10.68
CA THR A 371 -7.86 1.10 -9.51
C THR A 371 -6.65 1.21 -8.62
N VAL A 372 -6.90 1.37 -7.32
CA VAL A 372 -5.82 1.39 -6.36
C VAL A 372 -6.04 0.27 -5.36
N MET A 373 -5.14 -0.70 -5.38
CA MET A 373 -5.20 -1.80 -4.43
C MET A 373 -4.42 -1.35 -3.20
N GLY A 374 -5.15 -0.73 -2.26
CA GLY A 374 -4.54 -0.21 -1.04
C GLY A 374 -4.51 -1.22 0.09
N ALA A 375 -4.43 -0.72 1.32
CA ALA A 375 -4.38 -1.60 2.49
C ALA A 375 -5.56 -2.58 2.58
N VAL A 376 -6.73 -2.15 2.12
CA VAL A 376 -7.89 -3.03 2.07
C VAL A 376 -7.58 -4.34 1.37
N ILE A 377 -6.80 -4.27 0.30
CA ILE A 377 -6.39 -5.49 -0.39
C ILE A 377 -5.18 -6.09 0.31
N MET A 378 -4.18 -5.27 0.57
CA MET A 378 -2.91 -5.82 1.05
C MET A 378 -3.00 -6.52 2.41
N GLU A 379 -3.92 -6.07 3.26
CA GLU A 379 -4.07 -6.64 4.60
C GLU A 379 -4.52 -8.11 4.60
N GLY A 380 -4.99 -8.60 3.46
CA GLY A 380 -5.35 -10.01 3.37
C GLY A 380 -4.17 -10.91 3.07
N PHE A 381 -3.05 -10.31 2.67
CA PHE A 381 -2.02 -11.09 1.98
C PHE A 381 -0.59 -10.74 2.35
N TYR A 382 0.29 -11.70 2.12
CA TYR A 382 1.72 -11.42 2.06
C TYR A 382 2.01 -11.07 0.61
N VAL A 383 2.54 -9.88 0.38
CA VAL A 383 2.71 -9.37 -0.98
C VAL A 383 4.20 -9.20 -1.28
N VAL A 384 4.66 -9.89 -2.32
CA VAL A 384 6.08 -9.92 -2.67
C VAL A 384 6.33 -9.04 -3.88
N PHE A 385 7.09 -7.96 -3.67
CA PHE A 385 7.42 -7.06 -4.75
C PHE A 385 8.74 -7.52 -5.37
N ASP A 386 8.63 -8.45 -6.32
CA ASP A 386 9.80 -9.12 -6.88
C ASP A 386 10.29 -8.30 -8.08
N ARG A 387 11.00 -7.22 -7.77
CA ARG A 387 11.46 -6.31 -8.81
C ARG A 387 12.43 -7.01 -9.76
N ALA A 388 13.23 -7.93 -9.23
CA ALA A 388 14.21 -8.62 -10.05
C ALA A 388 13.57 -9.41 -11.18
N ARG A 389 12.37 -9.93 -10.94
CA ARG A 389 11.67 -10.72 -11.96
C ARG A 389 10.41 -10.04 -12.46
N LYS A 390 10.31 -8.73 -12.19
CA LYS A 390 9.23 -7.90 -12.73
C LYS A 390 7.85 -8.52 -12.46
N ARG A 391 7.60 -8.87 -11.21
CA ARG A 391 6.36 -9.53 -10.83
C ARG A 391 5.99 -9.27 -9.37
N ILE A 392 4.71 -9.41 -9.07
CA ILE A 392 4.21 -9.23 -7.71
C ILE A 392 3.52 -10.51 -7.28
N GLY A 393 3.94 -11.02 -6.12
CA GLY A 393 3.38 -12.25 -5.59
C GLY A 393 2.38 -12.02 -4.48
N PHE A 394 1.34 -12.84 -4.45
CA PHE A 394 0.36 -12.82 -3.38
C PHE A 394 0.21 -14.19 -2.76
N ALA A 395 0.17 -14.24 -1.43
CA ALA A 395 -0.19 -15.46 -0.71
C ALA A 395 -1.04 -15.08 0.50
N VAL A 396 -1.85 -16.02 0.99
CA VAL A 396 -2.64 -15.75 2.19
C VAL A 396 -1.76 -15.38 3.37
N SER A 397 -2.07 -14.24 4.00
CA SER A 397 -1.24 -13.76 5.10
C SER A 397 -1.47 -14.55 6.38
N ALA A 398 -0.39 -14.92 7.05
CA ALA A 398 -0.51 -15.64 8.32
C ALA A 398 -1.12 -14.75 9.41
N CYS A 399 -1.17 -13.44 9.17
CA CYS A 399 -1.67 -12.53 10.18
C CYS A 399 -3.02 -11.89 9.86
N HIS A 400 -3.58 -12.18 8.69
CA HIS A 400 -4.77 -11.44 8.27
C HIS A 400 -5.97 -11.69 9.18
N VAL A 401 -6.79 -10.65 9.34
CA VAL A 401 -7.96 -10.71 10.19
C VAL A 401 -9.08 -11.49 9.50
N HIS A 402 -9.54 -12.56 10.17
CA HIS A 402 -10.65 -13.34 9.64
C HIS A 402 -11.47 -13.92 10.79
N ASP A 403 -12.36 -14.86 10.47
CA ASP A 403 -13.18 -15.49 11.50
C ASP A 403 -13.22 -17.01 11.33
N GLU A 404 -14.07 -17.66 12.12
CA GLU A 404 -14.11 -19.12 12.14
C GLU A 404 -14.76 -19.71 10.89
N PHE A 405 -15.39 -18.86 10.08
CA PHE A 405 -16.16 -19.34 8.94
C PHE A 405 -15.52 -19.05 7.59
N ARG A 406 -14.81 -17.93 7.48
CA ARG A 406 -14.19 -17.55 6.21
C ARG A 406 -12.76 -17.05 6.40
N THR A 407 -11.95 -17.25 5.37
CA THR A 407 -10.57 -16.78 5.35
C THR A 407 -10.32 -16.11 4.02
N ALA A 408 -9.41 -15.14 3.99
CA ALA A 408 -8.92 -14.62 2.73
C ALA A 408 -8.30 -15.78 1.97
N ALA A 409 -8.23 -15.66 0.65
CA ALA A 409 -7.74 -16.75 -0.18
C ALA A 409 -6.96 -16.25 -1.38
N VAL A 410 -6.06 -17.10 -1.86
CA VAL A 410 -5.37 -16.88 -3.12
C VAL A 410 -5.44 -18.22 -3.83
N GLU A 411 -6.11 -18.23 -4.99
CA GLU A 411 -6.46 -19.50 -5.64
C GLU A 411 -6.16 -19.46 -7.13
N GLY A 412 -5.81 -20.60 -7.70
CA GLY A 412 -5.58 -20.66 -9.13
C GLY A 412 -5.15 -22.06 -9.50
N PRO A 413 -4.86 -22.28 -10.79
CA PRO A 413 -5.03 -21.30 -11.85
C PRO A 413 -6.42 -21.32 -12.43
N PHE A 414 -6.80 -20.23 -13.08
CA PHE A 414 -8.01 -20.16 -13.89
C PHE A 414 -7.64 -19.88 -15.33
N VAL A 415 -8.59 -20.07 -16.23
CA VAL A 415 -8.39 -19.80 -17.65
C VAL A 415 -9.08 -18.48 -17.99
N THR A 416 -8.30 -17.51 -18.44
CA THR A 416 -8.83 -16.22 -18.86
C THR A 416 -8.20 -15.82 -20.19
N LEU A 417 -9.03 -15.60 -21.20
CA LEU A 417 -8.52 -15.27 -22.53
C LEU A 417 -8.38 -13.76 -22.77
N ASP A 418 -7.50 -13.40 -23.69
CA ASP A 418 -7.35 -12.00 -24.14
C ASP A 418 -7.03 -11.02 -23.01
N MET A 419 -6.25 -11.48 -22.04
CA MET A 419 -5.90 -10.63 -20.90
C MET A 419 -5.05 -9.43 -21.26
N GLU A 420 -4.31 -9.52 -22.36
CA GLU A 420 -3.42 -8.44 -22.76
C GLU A 420 -4.24 -7.21 -23.11
N ASP A 421 -5.44 -7.44 -23.62
CA ASP A 421 -6.29 -6.33 -24.07
C ASP A 421 -6.88 -5.52 -22.92
N CYS A 422 -6.79 -6.06 -21.71
CA CYS A 422 -7.37 -5.41 -20.53
C CYS A 422 -6.70 -4.09 -20.17
N GLY A 423 -5.41 -3.97 -20.50
CA GLY A 423 -4.61 -2.81 -20.12
C GLY A 423 -4.90 -1.56 -20.94
N TYR A 424 -4.81 -0.41 -20.29
CA TYR A 424 -5.02 0.88 -20.92
C TYR A 424 -3.77 1.32 -21.68
N ASN A 425 -3.96 1.92 -22.85
CA ASN A 425 -2.86 2.48 -23.63
C ASN A 425 -3.10 3.94 -23.96
N ILE A 426 -2.06 4.76 -23.97
CA ILE A 426 -2.24 6.15 -24.43
C ILE A 426 -2.14 6.22 -25.94
C 2OP B 1 -6.50 8.02 5.21
O 2OP B 1 -6.47 9.23 4.99
CB 2OP B 1 -7.80 7.87 7.35
OHN 2OP B 1 -7.65 6.00 5.97
CA 2OP B 1 -7.69 7.38 5.93
N VAL B 2 -5.37 7.18 4.78
CA VAL B 2 -4.28 7.82 4.12
C VAL B 2 -4.48 7.69 2.62
C1 GNC B 3 -3.39 9.95 2.27
NE2 GNC B 3 -7.81 9.77 -2.12
OE1 GNC B 3 -8.71 7.87 -1.06
O GNC B 3 -2.92 10.13 -1.07
CG GNC B 3 -6.31 8.07 -0.87
CB GNC B 3 -5.53 9.22 -0.22
CD GNC B 3 -7.70 8.54 -1.34
C GNC B 3 -2.97 9.10 -0.42
CA GNC B 3 -4.23 8.60 0.29
N GNC B 3 -4.03 8.76 1.74
N PSA B 4 -1.79 8.23 -0.24
CA PSA B 4 -0.51 8.58 -0.87
CB PSA B 4 0.61 8.42 0.11
CG PSA B 4 0.34 9.31 1.32
CD1 PSA B 4 0.01 10.74 1.14
CD2 PSA B 4 0.42 8.73 2.71
CE1 PSA B 4 -0.25 11.61 2.34
CE2 PSA B 4 0.17 9.60 3.90
CZ PSA B 4 -0.17 11.04 3.71
CH PSA B 4 -0.33 7.60 -2.00
OH PSA B 4 -0.28 6.26 -1.60
CM PSA B 4 -1.18 7.93 -3.23
C PSA B 4 -0.59 9.15 -3.99
O PSA B 4 -0.95 10.29 -3.74
N LEU B 5 0.45 8.92 -5.01
CA LEU B 5 1.02 10.05 -5.72
C LEU B 5 -0.06 10.63 -6.63
N ALA B 6 -0.12 12.08 -6.81
CA ALA B 6 -1.17 12.61 -7.70
C ALA B 6 -0.91 12.02 -9.06
N ZAE B 7 -2.02 11.59 -9.97
CA ZAE B 7 -1.63 11.05 -11.25
C ZAE B 7 -2.33 9.76 -11.48
O ZAE B 7 -2.99 9.59 -12.53
OXT ZAE B 7 -2.23 8.84 -10.62
CB ZAE B 7 -1.86 12.07 -12.34
CG ZAE B 7 -1.22 13.38 -11.82
CD1 ZAE B 7 0.24 13.58 -11.95
CD2 ZAE B 7 -2.07 14.44 -11.15
CE1 ZAE B 7 0.90 14.83 -11.43
CE2 ZAE B 7 -1.42 15.70 -10.64
CZ ZAE B 7 0.05 15.90 -10.78
C10 ZAE B 7 -3.43 11.74 -9.59
S SO4 C . 30.94 9.02 -1.62
O1 SO4 C . 29.69 9.36 -2.31
O2 SO4 C . 32.00 9.94 -2.06
O3 SO4 C . 30.78 9.17 -0.17
O4 SO4 C . 31.31 7.65 -1.93
S SO4 D . 30.30 12.16 13.36
O1 SO4 D . 29.00 12.46 12.79
O2 SO4 D . 30.56 13.04 14.53
O3 SO4 D . 30.36 10.76 13.76
O4 SO4 D . 31.35 12.42 12.37
S SO4 E . 15.98 23.21 14.55
O1 SO4 E . 14.88 23.40 13.62
O2 SO4 E . 16.72 24.48 14.65
O3 SO4 E . 15.44 22.87 15.87
O4 SO4 E . 16.86 22.13 14.10
C URE F . -10.51 4.48 7.95
O URE F . -10.05 4.20 9.06
N1 URE F . -10.88 5.72 7.65
N2 URE F . -10.62 3.54 7.01
C1 PEG G . 12.39 -19.56 -8.90
O1 PEG G . 13.56 -19.33 -9.61
C2 PEG G . 11.23 -20.14 -9.65
O2 PEG G . 10.64 -19.41 -10.66
C3 PEG G . 9.51 -18.65 -10.42
C4 PEG G . 8.28 -19.32 -9.89
O4 PEG G . 7.05 -18.85 -10.31
#